data_9DEC
#
_entry.id   9DEC
#
_cell.length_a   67.973
_cell.length_b   69.276
_cell.length_c   84.467
_cell.angle_alpha   90.000
_cell.angle_beta   90.000
_cell.angle_gamma   90.000
#
_symmetry.space_group_name_H-M   'I 2 2 2'
#
loop_
_entity.id
_entity.type
_entity.pdbx_description
1 polymer D9-threaded
2 water water
#
_entity_poly.entity_id   1
_entity_poly.type   'polypeptide(L)'
_entity_poly.pdbx_seq_one_letter_code
;GGGSIKEITETTQLIVKHLAHNGEEYSEVVKEISEEMEKKGLSKEQVILLLIHFLLLSLVKGLSPETTKLLMKELIKELE
KIK
;
_entity_poly.pdbx_strand_id   A,B,C
#
# COMPACT_ATOMS: atom_id res chain seq x y z
N GLY A 1 -6.15 -1.52 -14.73
CA GLY A 1 -7.48 -1.11 -15.14
C GLY A 1 -8.56 -2.06 -14.65
N GLY A 2 -8.74 -3.17 -15.36
CA GLY A 2 -9.76 -4.13 -14.95
C GLY A 2 -9.22 -5.55 -14.91
N GLY A 3 -10.12 -6.53 -15.02
CA GLY A 3 -9.73 -7.93 -15.00
C GLY A 3 -9.95 -8.58 -13.65
N SER A 4 -9.38 -9.78 -13.52
CA SER A 4 -9.48 -10.52 -12.28
C SER A 4 -8.59 -9.91 -11.20
N ILE A 5 -9.06 -10.01 -9.96
CA ILE A 5 -8.34 -9.51 -8.80
C ILE A 5 -7.95 -10.63 -7.85
N LYS A 6 -8.08 -11.89 -8.28
CA LYS A 6 -7.76 -13.01 -7.41
C LYS A 6 -6.28 -13.02 -7.04
N GLU A 7 -5.43 -12.63 -7.98
CA GLU A 7 -4.00 -12.57 -7.69
C GLU A 7 -3.69 -11.51 -6.63
N ILE A 8 -4.29 -10.33 -6.78
CA ILE A 8 -4.15 -9.29 -5.76
C ILE A 8 -4.75 -9.76 -4.44
N THR A 9 -5.90 -10.45 -4.50
CA THR A 9 -6.56 -10.90 -3.28
C THR A 9 -5.73 -11.96 -2.56
N GLU A 10 -5.30 -12.99 -3.28
CA GLU A 10 -4.52 -14.07 -2.67
C GLU A 10 -3.24 -13.54 -2.05
N THR A 11 -2.63 -12.53 -2.67
CA THR A 11 -1.44 -11.93 -2.10
C THR A 11 -1.76 -11.24 -0.78
N THR A 12 -2.87 -10.49 -0.74
CA THR A 12 -3.26 -9.83 0.50
C THR A 12 -3.59 -10.85 1.59
N GLN A 13 -4.29 -11.92 1.23
CA GLN A 13 -4.57 -12.98 2.20
C GLN A 13 -3.28 -13.53 2.79
N LEU A 14 -2.29 -13.81 1.94
CA LEU A 14 -1.03 -14.35 2.43
C LEU A 14 -0.28 -13.32 3.28
N ILE A 15 -0.38 -12.04 2.91
CA ILE A 15 0.29 -11.01 3.70
C ILE A 15 -0.28 -10.95 5.11
N VAL A 16 -1.61 -10.98 5.21
CA VAL A 16 -2.24 -10.82 6.52
C VAL A 16 -2.23 -12.13 7.30
N LYS A 17 -2.15 -13.28 6.63
CA LYS A 17 -1.95 -14.54 7.34
C LYS A 17 -0.62 -14.55 8.08
N HIS A 18 0.40 -13.88 7.54
CA HIS A 18 1.74 -13.93 8.10
C HIS A 18 1.96 -12.95 9.25
N LEU A 19 1.26 -11.82 9.24
CA LEU A 19 1.57 -10.72 10.14
C LEU A 19 0.57 -10.55 11.28
N ALA A 20 -0.44 -11.40 11.36
CA ALA A 20 -1.45 -11.30 12.41
C ALA A 20 -1.62 -12.66 13.08
N HIS A 21 -1.79 -12.63 14.41
CA HIS A 21 -2.06 -13.87 15.13
C HIS A 21 -3.37 -14.50 14.68
N ASN A 22 -4.33 -13.66 14.28
CA ASN A 22 -5.59 -14.13 13.71
C ASN A 22 -5.62 -13.86 12.21
N GLY A 23 -4.52 -14.17 11.52
CA GLY A 23 -4.42 -13.91 10.10
C GLY A 23 -5.46 -14.66 9.29
N GLU A 24 -5.80 -15.89 9.70
CA GLU A 24 -6.81 -16.65 8.98
C GLU A 24 -8.15 -15.95 9.00
N GLU A 25 -8.53 -15.37 10.14
CA GLU A 25 -9.78 -14.63 10.20
C GLU A 25 -9.74 -13.37 9.36
N TYR A 26 -8.56 -12.77 9.18
CA TYR A 26 -8.45 -11.62 8.29
C TYR A 26 -8.51 -12.06 6.83
N SER A 27 -7.92 -13.22 6.52
CA SER A 27 -7.93 -13.72 5.16
C SER A 27 -9.35 -13.97 4.66
N GLU A 28 -10.21 -14.51 5.53
CA GLU A 28 -11.61 -14.69 5.16
C GLU A 28 -12.28 -13.34 4.87
N VAL A 29 -11.93 -12.32 5.64
CA VAL A 29 -12.45 -10.98 5.38
C VAL A 29 -12.00 -10.49 4.02
N VAL A 30 -10.72 -10.71 3.68
CA VAL A 30 -10.21 -10.30 2.37
C VAL A 30 -11.01 -10.98 1.26
N LYS A 31 -11.35 -12.25 1.45
CA LYS A 31 -12.12 -12.99 0.46
C LYS A 31 -13.49 -12.34 0.25
N GLU A 32 -14.24 -12.18 1.34
CA GLU A 32 -15.57 -11.57 1.23
C GLU A 32 -15.49 -10.13 0.75
N ILE A 33 -14.45 -9.40 1.13
CA ILE A 33 -14.30 -8.02 0.68
C ILE A 33 -13.93 -7.96 -0.79
N SER A 34 -13.04 -8.85 -1.23
CA SER A 34 -12.62 -8.85 -2.62
C SER A 34 -13.76 -9.19 -3.56
N GLU A 35 -14.58 -10.19 -3.20
CA GLU A 35 -15.70 -10.56 -4.06
C GLU A 35 -16.72 -9.44 -4.15
N GLU A 36 -16.84 -8.61 -3.11
CA GLU A 36 -17.74 -7.47 -3.19
C GLU A 36 -17.17 -6.37 -4.09
N MET A 37 -15.85 -6.17 -4.05
CA MET A 37 -15.23 -5.18 -4.91
C MET A 37 -15.36 -5.58 -6.38
N GLU A 38 -15.17 -6.86 -6.69
CA GLU A 38 -15.36 -7.32 -8.06
C GLU A 38 -16.83 -7.32 -8.44
N LYS A 39 -17.72 -7.45 -7.45
CA LYS A 39 -19.15 -7.30 -7.71
C LYS A 39 -19.49 -5.85 -8.02
N LYS A 40 -18.98 -4.92 -7.22
CA LYS A 40 -19.24 -3.50 -7.40
C LYS A 40 -18.49 -2.90 -8.58
N GLY A 41 -17.76 -3.70 -9.34
CA GLY A 41 -17.09 -3.21 -10.52
C GLY A 41 -15.96 -2.23 -10.26
N LEU A 42 -15.29 -2.34 -9.12
CA LEU A 42 -14.18 -1.45 -8.82
C LEU A 42 -12.94 -1.85 -9.62
N SER A 43 -12.14 -0.87 -9.98
CA SER A 43 -10.97 -1.10 -10.81
C SER A 43 -9.87 -1.80 -10.02
N LYS A 44 -8.88 -2.30 -10.75
CA LYS A 44 -7.70 -2.90 -10.11
C LYS A 44 -7.01 -1.90 -9.21
N GLU A 45 -6.91 -0.64 -9.65
CA GLU A 45 -6.25 0.39 -8.86
C GLU A 45 -7.00 0.65 -7.55
N GLN A 46 -8.34 0.65 -7.62
CA GLN A 46 -9.12 0.80 -6.40
C GLN A 46 -8.98 -0.42 -5.50
N VAL A 47 -8.85 -1.61 -6.09
CA VAL A 47 -8.72 -2.82 -5.28
C VAL A 47 -7.42 -2.79 -4.49
N ILE A 48 -6.31 -2.50 -5.17
CA ILE A 48 -5.02 -2.43 -4.49
C ILE A 48 -5.07 -1.40 -3.37
N LEU A 49 -5.60 -0.20 -3.66
CA LEU A 49 -5.73 0.83 -2.64
C LEU A 49 -6.53 0.32 -1.44
N LEU A 50 -7.67 -0.31 -1.69
CA LEU A 50 -8.51 -0.77 -0.59
C LEU A 50 -7.91 -1.98 0.12
N LEU A 51 -7.19 -2.83 -0.61
CA LEU A 51 -6.54 -3.97 0.05
C LEU A 51 -5.39 -3.49 0.93
N ILE A 52 -4.67 -2.46 0.49
CA ILE A 52 -3.63 -1.88 1.34
C ILE A 52 -4.27 -1.13 2.50
N HIS A 53 -5.39 -0.45 2.25
CA HIS A 53 -6.16 0.16 3.33
C HIS A 53 -6.58 -0.90 4.34
N PHE A 54 -7.03 -2.08 3.87
CA PHE A 54 -7.36 -3.15 4.79
C PHE A 54 -6.14 -3.59 5.60
N LEU A 55 -4.98 -3.68 4.94
CA LEU A 55 -3.77 -4.11 5.64
C LEU A 55 -3.41 -3.13 6.75
N LEU A 56 -3.60 -1.83 6.53
CA LEU A 56 -3.26 -0.84 7.54
C LEU A 56 -4.30 -0.79 8.66
N LEU A 57 -5.56 -1.05 8.36
CA LEU A 57 -6.57 -1.17 9.42
C LEU A 57 -6.26 -2.33 10.32
N SER A 58 -5.99 -3.50 9.73
CA SER A 58 -5.80 -4.72 10.50
C SER A 58 -4.44 -4.76 11.18
N LEU A 59 -3.36 -4.57 10.42
CA LEU A 59 -2.02 -4.82 10.92
C LEU A 59 -1.40 -3.63 11.63
N VAL A 60 -1.76 -2.41 11.23
CA VAL A 60 -1.19 -1.20 11.83
C VAL A 60 -2.10 -0.63 12.90
N LYS A 61 -3.38 -0.40 12.56
CA LYS A 61 -4.32 0.14 13.53
C LYS A 61 -4.84 -0.90 14.51
N GLY A 62 -4.62 -2.18 14.25
CA GLY A 62 -5.01 -3.22 15.19
C GLY A 62 -6.50 -3.42 15.31
N LEU A 63 -7.22 -3.40 14.20
CA LEU A 63 -8.66 -3.57 14.19
C LEU A 63 -9.02 -5.01 13.91
N SER A 64 -10.01 -5.52 14.65
CA SER A 64 -10.42 -6.92 14.52
C SER A 64 -10.90 -7.20 13.10
N PRO A 65 -10.85 -8.47 12.67
CA PRO A 65 -11.35 -8.80 11.32
C PRO A 65 -12.79 -8.38 11.10
N GLU A 66 -13.64 -8.51 12.12
CA GLU A 66 -15.02 -8.07 11.99
C GLU A 66 -15.09 -6.56 11.83
N THR A 67 -14.29 -5.83 12.61
CA THR A 67 -14.26 -4.37 12.48
C THR A 67 -13.80 -3.95 11.09
N THR A 68 -12.67 -4.48 10.63
CA THR A 68 -12.16 -4.10 9.31
C THR A 68 -13.16 -4.45 8.22
N LYS A 69 -13.80 -5.62 8.31
CA LYS A 69 -14.79 -6.00 7.31
C LYS A 69 -15.91 -4.97 7.22
N LEU A 70 -16.41 -4.51 8.36
CA LEU A 70 -17.43 -3.48 8.37
C LEU A 70 -16.94 -2.20 7.70
N LEU A 71 -15.72 -1.76 8.05
CA LEU A 71 -15.19 -0.52 7.48
C LEU A 71 -14.95 -0.67 5.98
N MET A 72 -14.42 -1.81 5.55
CA MET A 72 -14.20 -2.04 4.13
C MET A 72 -15.50 -2.04 3.36
N LYS A 73 -16.53 -2.68 3.92
CA LYS A 73 -17.83 -2.69 3.26
C LYS A 73 -18.39 -1.28 3.10
N GLU A 74 -18.26 -0.45 4.14
CA GLU A 74 -18.74 0.92 4.06
C GLU A 74 -17.92 1.76 3.09
N LEU A 75 -16.62 1.47 2.99
CA LEU A 75 -15.78 2.18 2.04
C LEU A 75 -16.12 1.78 0.60
N ILE A 76 -16.38 0.49 0.37
CA ILE A 76 -16.80 0.02 -0.95
C ILE A 76 -18.09 0.70 -1.36
N LYS A 77 -19.04 0.83 -0.43
CA LYS A 77 -20.29 1.50 -0.75
C LYS A 77 -20.07 2.96 -1.12
N GLU A 78 -19.25 3.66 -0.34
CA GLU A 78 -18.93 5.05 -0.65
C GLU A 78 -18.29 5.20 -2.03
N LEU A 79 -17.51 4.21 -2.45
CA LEU A 79 -16.84 4.31 -3.74
C LEU A 79 -17.82 4.16 -4.90
N GLU A 80 -18.80 3.27 -4.78
CA GLU A 80 -19.74 3.08 -5.88
C GLU A 80 -20.67 4.28 -6.06
N LYS A 81 -20.82 5.12 -5.03
CA LYS A 81 -21.62 6.33 -5.18
C LYS A 81 -20.93 7.35 -6.10
N ILE A 82 -19.62 7.28 -6.21
CA ILE A 82 -18.87 8.17 -7.10
C ILE A 82 -18.39 7.37 -8.32
N SER B 4 -7.70 7.65 -14.37
CA SER B 4 -7.35 6.67 -13.36
C SER B 4 -6.61 7.31 -12.18
N ILE B 5 -5.75 8.29 -12.48
CA ILE B 5 -5.07 9.02 -11.40
C ILE B 5 -6.10 9.75 -10.54
N LYS B 6 -7.12 10.35 -11.16
CA LYS B 6 -8.23 10.92 -10.41
C LYS B 6 -8.93 9.84 -9.59
N GLU B 7 -9.17 8.67 -10.19
CA GLU B 7 -9.81 7.58 -9.47
C GLU B 7 -8.97 7.14 -8.28
N ILE B 8 -7.65 7.10 -8.44
CA ILE B 8 -6.77 6.73 -7.34
C ILE B 8 -6.77 7.81 -6.26
N THR B 9 -6.75 9.09 -6.68
CA THR B 9 -6.77 10.19 -5.72
C THR B 9 -8.09 10.22 -4.95
N GLU B 10 -9.22 10.15 -5.66
CA GLU B 10 -10.52 10.16 -5.00
C GLU B 10 -10.68 8.95 -4.09
N THR B 11 -10.11 7.79 -4.48
CA THR B 11 -10.18 6.63 -3.61
C THR B 11 -9.35 6.82 -2.35
N THR B 12 -8.11 7.32 -2.50
CA THR B 12 -7.28 7.59 -1.35
C THR B 12 -7.88 8.67 -0.46
N GLN B 13 -8.59 9.65 -1.06
CA GLN B 13 -9.28 10.65 -0.26
C GLN B 13 -10.38 10.02 0.59
N LEU B 14 -11.17 9.12 0.01
CA LEU B 14 -12.18 8.40 0.79
C LEU B 14 -11.52 7.50 1.82
N ILE B 15 -10.35 6.93 1.51
CA ILE B 15 -9.65 6.07 2.45
C ILE B 15 -9.25 6.85 3.70
N VAL B 16 -8.70 8.06 3.52
CA VAL B 16 -8.26 8.83 4.68
C VAL B 16 -9.44 9.48 5.39
N LYS B 17 -10.53 9.79 4.67
CA LYS B 17 -11.69 10.37 5.34
C LYS B 17 -12.46 9.36 6.17
N HIS B 18 -12.15 8.07 6.05
CA HIS B 18 -12.77 7.03 6.86
C HIS B 18 -11.80 6.37 7.83
N LEU B 19 -10.50 6.67 7.74
CA LEU B 19 -9.48 6.01 8.54
C LEU B 19 -8.78 6.97 9.51
N ALA B 20 -8.20 8.05 9.00
CA ALA B 20 -7.34 8.90 9.80
C ALA B 20 -8.13 10.01 10.49
N HIS B 21 -7.60 10.48 11.62
CA HIS B 21 -8.15 11.66 12.26
C HIS B 21 -7.96 12.88 11.36
N ASN B 22 -8.88 13.83 11.47
CA ASN B 22 -8.95 14.97 10.56
C ASN B 22 -8.91 14.50 9.11
N GLY B 23 -9.77 13.54 8.80
CA GLY B 23 -9.77 12.92 7.49
C GLY B 23 -9.98 13.91 6.36
N GLU B 24 -10.77 14.96 6.59
CA GLU B 24 -10.93 15.98 5.57
C GLU B 24 -9.64 16.75 5.35
N GLU B 25 -8.83 16.93 6.40
CA GLU B 25 -7.54 17.58 6.24
C GLU B 25 -6.61 16.75 5.39
N TYR B 26 -6.54 15.44 5.63
CA TYR B 26 -5.67 14.57 4.83
C TYR B 26 -6.14 14.48 3.39
N SER B 27 -7.47 14.43 3.18
CA SER B 27 -7.98 14.30 1.82
C SER B 27 -7.60 15.51 0.96
N GLU B 28 -7.63 16.71 1.55
CA GLU B 28 -7.16 17.88 0.82
C GLU B 28 -5.66 17.81 0.57
N VAL B 29 -4.91 17.23 1.51
CA VAL B 29 -3.48 17.00 1.26
C VAL B 29 -3.30 16.00 0.12
N VAL B 30 -4.13 14.95 0.10
CA VAL B 30 -4.06 13.97 -0.99
C VAL B 30 -4.27 14.65 -2.33
N LYS B 31 -5.29 15.50 -2.42
CA LYS B 31 -5.58 16.20 -3.67
C LYS B 31 -4.41 17.08 -4.10
N GLU B 32 -3.83 17.84 -3.17
CA GLU B 32 -2.72 18.72 -3.52
C GLU B 32 -1.48 17.93 -3.90
N ILE B 33 -1.23 16.81 -3.21
CA ILE B 33 -0.06 16.01 -3.50
C ILE B 33 -0.24 15.26 -4.82
N SER B 34 -1.45 14.79 -5.10
CA SER B 34 -1.72 14.10 -6.35
C SER B 34 -1.48 15.01 -7.55
N GLU B 35 -2.01 16.23 -7.51
CA GLU B 35 -1.82 17.15 -8.63
C GLU B 35 -0.37 17.61 -8.75
N GLU B 36 0.42 17.55 -7.68
CA GLU B 36 1.85 17.80 -7.81
C GLU B 36 2.55 16.62 -8.45
N MET B 37 2.18 15.39 -8.06
CA MET B 37 2.74 14.22 -8.72
C MET B 37 2.30 14.14 -10.18
N GLU B 38 1.10 14.62 -10.49
CA GLU B 38 0.67 14.67 -11.88
C GLU B 38 1.42 15.74 -12.65
N LYS B 39 1.74 16.86 -11.99
CA LYS B 39 2.51 17.91 -12.65
C LYS B 39 3.95 17.47 -12.87
N LYS B 40 4.52 16.73 -11.92
CA LYS B 40 5.86 16.18 -12.08
C LYS B 40 5.92 15.01 -13.05
N GLY B 41 4.79 14.62 -13.64
CA GLY B 41 4.79 13.53 -14.60
C GLY B 41 5.04 12.16 -14.01
N LEU B 42 4.86 12.00 -12.71
CA LEU B 42 5.07 10.70 -12.07
C LEU B 42 4.06 9.68 -12.57
N SER B 43 4.50 8.44 -12.67
CA SER B 43 3.67 7.37 -13.21
C SER B 43 2.55 7.01 -12.23
N LYS B 44 1.60 6.22 -12.74
CA LYS B 44 0.48 5.77 -11.90
C LYS B 44 0.98 4.88 -10.76
N GLU B 45 2.00 4.06 -11.03
CA GLU B 45 2.55 3.22 -9.97
C GLU B 45 3.22 4.05 -8.89
N GLN B 46 3.96 5.10 -9.27
CA GLN B 46 4.58 5.97 -8.28
C GLN B 46 3.54 6.72 -7.47
N VAL B 47 2.42 7.11 -8.08
CA VAL B 47 1.34 7.75 -7.34
C VAL B 47 0.82 6.82 -6.26
N ILE B 48 0.54 5.57 -6.63
CA ILE B 48 0.07 4.57 -5.66
C ILE B 48 1.08 4.40 -4.54
N LEU B 49 2.36 4.23 -4.91
CA LEU B 49 3.39 4.02 -3.90
C LEU B 49 3.51 5.21 -2.95
N LEU B 50 3.46 6.43 -3.50
CA LEU B 50 3.58 7.61 -2.65
C LEU B 50 2.32 7.83 -1.82
N LEU B 51 1.15 7.49 -2.36
CA LEU B 51 -0.08 7.61 -1.58
C LEU B 51 -0.15 6.56 -0.49
N ILE B 52 0.48 5.40 -0.69
CA ILE B 52 0.59 4.44 0.42
C ILE B 52 1.63 4.91 1.43
N HIS B 53 2.76 5.43 0.93
CA HIS B 53 3.69 6.13 1.80
C HIS B 53 2.99 7.28 2.54
N PHE B 54 2.04 7.93 1.87
CA PHE B 54 1.20 8.91 2.54
C PHE B 54 0.37 8.25 3.63
N LEU B 55 -0.22 7.10 3.32
CA LEU B 55 -1.05 6.39 4.31
C LEU B 55 -0.22 5.95 5.51
N LEU B 56 1.06 5.62 5.30
CA LEU B 56 1.92 5.29 6.43
C LEU B 56 2.21 6.51 7.28
N LEU B 57 2.45 7.66 6.65
CA LEU B 57 2.74 8.87 7.40
C LEU B 57 1.57 9.26 8.30
N SER B 58 0.35 9.14 7.78
CA SER B 58 -0.82 9.53 8.55
C SER B 58 -1.20 8.52 9.62
N LEU B 59 -0.70 7.29 9.54
CA LEU B 59 -1.17 6.24 10.43
C LEU B 59 -0.08 5.70 11.35
N VAL B 60 0.80 4.83 10.82
CA VAL B 60 1.80 4.19 11.66
C VAL B 60 2.73 5.22 12.28
N LYS B 61 3.02 6.29 11.54
CA LYS B 61 3.79 7.39 12.10
C LYS B 61 2.92 8.42 12.80
N GLY B 62 1.62 8.47 12.47
CA GLY B 62 0.71 9.38 13.15
C GLY B 62 1.04 10.84 12.95
N LEU B 63 1.62 11.19 11.81
CA LEU B 63 2.01 12.57 11.54
C LEU B 63 0.81 13.40 11.10
N SER B 64 0.84 14.68 11.47
CA SER B 64 -0.25 15.58 11.13
C SER B 64 -0.36 15.75 9.62
N PRO B 65 -1.52 16.21 9.13
CA PRO B 65 -1.65 16.47 7.69
C PRO B 65 -0.62 17.45 7.15
N GLU B 66 -0.29 18.49 7.92
CA GLU B 66 0.72 19.45 7.48
C GLU B 66 2.10 18.79 7.45
N THR B 67 2.45 18.05 8.51
CA THR B 67 3.72 17.33 8.54
C THR B 67 3.80 16.31 7.42
N THR B 68 2.71 15.57 7.20
CA THR B 68 2.68 14.58 6.13
C THR B 68 2.82 15.26 4.76
N LYS B 69 2.16 16.40 4.58
CA LYS B 69 2.24 17.10 3.30
C LYS B 69 3.67 17.52 2.99
N LEU B 70 4.40 18.00 4.02
CA LEU B 70 5.79 18.43 3.80
C LEU B 70 6.66 17.26 3.37
N LEU B 71 6.58 16.14 4.09
CA LEU B 71 7.35 14.96 3.72
C LEU B 71 6.95 14.43 2.36
N MET B 72 5.66 14.51 2.01
CA MET B 72 5.23 14.10 0.68
C MET B 72 5.87 14.98 -0.39
N LYS B 73 5.79 16.29 -0.21
CA LYS B 73 6.41 17.22 -1.17
C LYS B 73 7.91 16.97 -1.28
N GLU B 74 8.55 16.60 -0.16
CA GLU B 74 9.99 16.39 -0.20
C GLU B 74 10.36 15.15 -0.99
N LEU B 75 9.66 14.04 -0.76
CA LEU B 75 9.94 12.83 -1.53
C LEU B 75 9.59 13.00 -3.00
N ILE B 76 8.60 13.83 -3.31
CA ILE B 76 8.31 14.14 -4.71
C ILE B 76 9.48 14.87 -5.35
N LYS B 77 10.11 15.77 -4.60
CA LYS B 77 11.29 16.48 -5.12
C LYS B 77 12.48 15.55 -5.25
N GLU B 78 12.53 14.47 -4.46
CA GLU B 78 13.59 13.48 -4.61
C GLU B 78 13.28 12.47 -5.70
N LEU B 79 12.01 12.32 -6.09
CA LEU B 79 11.67 11.47 -7.23
C LEU B 79 12.01 12.13 -8.56
N GLU B 80 11.65 13.41 -8.70
CA GLU B 80 12.06 14.16 -9.88
C GLU B 80 13.56 14.37 -9.93
N LYS B 81 14.25 14.17 -8.81
CA LYS B 81 15.72 14.26 -8.77
C LYS B 81 16.39 13.13 -9.53
N ILE B 82 15.67 12.07 -9.87
CA ILE B 82 16.25 10.98 -10.65
C ILE B 82 15.67 10.99 -12.06
N SER C 4 10.92 -2.08 -16.13
CA SER C 4 9.50 -1.84 -16.01
C SER C 4 9.10 -1.65 -14.55
N ILE C 5 9.36 -2.67 -13.73
CA ILE C 5 9.07 -2.57 -12.30
C ILE C 5 10.19 -1.89 -11.52
N LYS C 6 11.30 -1.57 -12.17
CA LYS C 6 12.39 -0.89 -11.47
C LYS C 6 12.00 0.52 -11.04
N GLU C 7 11.00 1.11 -11.71
CA GLU C 7 10.47 2.39 -11.24
C GLU C 7 9.72 2.21 -9.92
N ILE C 8 8.94 1.14 -9.81
CA ILE C 8 8.30 0.80 -8.54
C ILE C 8 9.34 0.53 -7.47
N THR C 9 10.44 -0.13 -7.85
CA THR C 9 11.47 -0.49 -6.88
C THR C 9 12.21 0.75 -6.39
N GLU C 10 12.81 1.51 -7.31
CA GLU C 10 13.59 2.67 -6.92
C GLU C 10 12.75 3.67 -6.14
N THR C 11 11.46 3.76 -6.43
CA THR C 11 10.57 4.61 -5.65
C THR C 11 10.44 4.10 -4.23
N THR C 12 10.20 2.80 -4.07
CA THR C 12 10.13 2.21 -2.74
C THR C 12 11.49 2.32 -2.03
N GLN C 13 12.57 2.13 -2.77
CA GLN C 13 13.90 2.37 -2.20
C GLN C 13 14.03 3.79 -1.67
N LEU C 14 13.51 4.76 -2.42
CA LEU C 14 13.56 6.15 -1.98
C LEU C 14 12.66 6.37 -0.77
N ILE C 15 11.45 5.80 -0.79
CA ILE C 15 10.54 5.91 0.35
C ILE C 15 11.18 5.30 1.59
N VAL C 16 11.94 4.21 1.41
CA VAL C 16 12.53 3.51 2.53
C VAL C 16 13.70 4.30 3.11
N LYS C 17 14.55 4.87 2.24
CA LYS C 17 15.71 5.62 2.71
C LYS C 17 15.31 6.80 3.58
N HIS C 18 14.18 7.42 3.31
CA HIS C 18 13.74 8.58 4.08
C HIS C 18 12.97 8.19 5.33
N LEU C 19 12.22 7.10 5.28
CA LEU C 19 11.31 6.73 6.35
C LEU C 19 11.91 5.76 7.36
N ALA C 20 12.65 4.75 6.91
CA ALA C 20 13.10 3.68 7.77
C ALA C 20 14.44 4.01 8.42
N HIS C 21 14.58 3.65 9.69
CA HIS C 21 15.89 3.63 10.31
C HIS C 21 16.76 2.59 9.62
N ASN C 22 18.04 2.90 9.47
CA ASN C 22 18.96 2.10 8.66
C ASN C 22 18.37 1.86 7.28
N GLY C 23 17.88 2.94 6.67
CA GLY C 23 17.15 2.82 5.42
C GLY C 23 17.98 2.25 4.29
N GLU C 24 19.28 2.50 4.29
CA GLU C 24 20.14 1.98 3.23
C GLU C 24 20.20 0.46 3.27
N GLU C 25 20.21 -0.12 4.47
CA GLU C 25 20.15 -1.58 4.57
C GLU C 25 18.81 -2.09 4.08
N TYR C 26 17.72 -1.44 4.47
CA TYR C 26 16.41 -1.85 3.96
C TYR C 26 16.28 -1.57 2.47
N SER C 27 16.86 -0.47 2.00
CA SER C 27 16.79 -0.14 0.57
C SER C 27 17.52 -1.18 -0.26
N GLU C 28 18.66 -1.68 0.24
CA GLU C 28 19.35 -2.76 -0.46
C GLU C 28 18.51 -4.03 -0.50
N VAL C 29 17.71 -4.27 0.55
CA VAL C 29 16.82 -5.42 0.54
C VAL C 29 15.73 -5.26 -0.51
N VAL C 30 15.19 -4.04 -0.64
CA VAL C 30 14.20 -3.78 -1.70
C VAL C 30 14.79 -4.10 -3.06
N LYS C 31 16.06 -3.77 -3.28
CA LYS C 31 16.72 -4.09 -4.54
C LYS C 31 16.80 -5.60 -4.73
N GLU C 32 17.28 -6.32 -3.71
CA GLU C 32 17.43 -7.76 -3.82
C GLU C 32 16.08 -8.45 -4.03
N ILE C 33 15.08 -8.06 -3.24
CA ILE C 33 13.77 -8.68 -3.37
C ILE C 33 13.14 -8.36 -4.73
N SER C 34 13.38 -7.16 -5.26
CA SER C 34 12.82 -6.81 -6.56
C SER C 34 13.42 -7.66 -7.67
N GLU C 35 14.72 -7.97 -7.57
CA GLU C 35 15.34 -8.86 -8.54
C GLU C 35 14.66 -10.21 -8.58
N GLU C 36 14.37 -10.78 -7.40
CA GLU C 36 13.69 -12.06 -7.33
C GLU C 36 12.27 -11.95 -7.88
N MET C 37 11.58 -10.85 -7.59
CA MET C 37 10.24 -10.65 -8.13
C MET C 37 10.27 -10.44 -9.64
N GLU C 38 11.36 -9.88 -10.16
CA GLU C 38 11.47 -9.68 -11.61
C GLU C 38 11.85 -10.99 -12.31
N LYS C 39 12.68 -11.81 -11.66
CA LYS C 39 13.01 -13.12 -12.23
C LYS C 39 11.81 -14.04 -12.28
N LYS C 40 10.79 -13.80 -11.47
CA LYS C 40 9.60 -14.64 -11.44
C LYS C 40 8.43 -14.03 -12.21
N GLY C 41 8.64 -12.90 -12.88
CA GLY C 41 7.59 -12.31 -13.70
C GLY C 41 6.35 -11.92 -12.94
N LEU C 42 6.48 -11.61 -11.65
CA LEU C 42 5.34 -11.14 -10.88
C LEU C 42 4.80 -9.85 -11.46
N SER C 43 3.48 -9.73 -11.49
CA SER C 43 2.83 -8.54 -12.03
C SER C 43 3.16 -7.31 -11.18
N LYS C 44 2.98 -6.14 -11.78
CA LYS C 44 3.17 -4.89 -11.04
C LYS C 44 2.21 -4.79 -9.86
N GLU C 45 0.98 -5.30 -10.01
CA GLU C 45 0.05 -5.33 -8.90
C GLU C 45 0.60 -6.16 -7.74
N GLN C 46 1.25 -7.28 -8.05
CA GLN C 46 1.80 -8.13 -7.00
C GLN C 46 3.04 -7.49 -6.38
N VAL C 47 3.90 -6.88 -7.21
CA VAL C 47 5.10 -6.23 -6.69
C VAL C 47 4.73 -5.14 -5.68
N ILE C 48 3.70 -4.35 -6.00
CA ILE C 48 3.30 -3.27 -5.09
C ILE C 48 2.85 -3.85 -3.75
N LEU C 49 2.06 -4.92 -3.78
CA LEU C 49 1.61 -5.54 -2.54
C LEU C 49 2.77 -6.11 -1.75
N LEU C 50 3.72 -6.75 -2.44
CA LEU C 50 4.88 -7.30 -1.75
C LEU C 50 5.70 -6.19 -1.11
N LEU C 51 5.87 -5.06 -1.80
CA LEU C 51 6.61 -3.94 -1.22
C LEU C 51 5.85 -3.30 -0.06
N ILE C 52 4.51 -3.36 -0.09
CA ILE C 52 3.74 -2.94 1.07
C ILE C 52 3.96 -3.92 2.22
N HIS C 53 3.99 -5.23 1.90
CA HIS C 53 4.38 -6.22 2.90
C HIS C 53 5.78 -5.95 3.44
N PHE C 54 6.69 -5.48 2.58
CA PHE C 54 8.03 -5.11 3.03
C PHE C 54 7.97 -3.98 4.03
N LEU C 55 7.15 -2.96 3.74
CA LEU C 55 7.06 -1.81 4.64
C LEU C 55 6.45 -2.21 5.98
N LEU C 56 5.50 -3.14 5.98
CA LEU C 56 4.97 -3.65 7.23
C LEU C 56 6.04 -4.37 8.03
N LEU C 57 6.78 -5.27 7.37
CA LEU C 57 7.83 -6.02 8.04
C LEU C 57 8.88 -5.09 8.64
N SER C 58 9.26 -4.05 7.90
CA SER C 58 10.36 -3.18 8.29
C SER C 58 9.90 -2.05 9.20
N LEU C 59 8.89 -1.28 8.76
CA LEU C 59 8.46 -0.11 9.51
C LEU C 59 7.53 -0.46 10.66
N VAL C 60 6.58 -1.36 10.43
CA VAL C 60 5.59 -1.66 11.45
C VAL C 60 6.10 -2.72 12.42
N LYS C 61 6.59 -3.84 11.90
CA LYS C 61 7.10 -4.91 12.76
C LYS C 61 8.51 -4.63 13.27
N GLY C 62 9.23 -3.70 12.65
CA GLY C 62 10.58 -3.40 13.09
C GLY C 62 11.56 -4.54 12.92
N LEU C 63 11.30 -5.46 12.01
CA LEU C 63 12.22 -6.55 11.76
C LEU C 63 13.46 -6.05 11.03
N SER C 64 14.59 -6.71 11.29
CA SER C 64 15.84 -6.32 10.67
C SER C 64 15.75 -6.47 9.16
N PRO C 65 16.61 -5.79 8.40
CA PRO C 65 16.63 -5.98 6.94
C PRO C 65 16.87 -7.43 6.55
N GLU C 66 17.68 -8.17 7.30
CA GLU C 66 17.95 -9.56 6.97
C GLU C 66 16.74 -10.45 7.25
N THR C 67 16.07 -10.23 8.38
CA THR C 67 14.85 -10.98 8.67
C THR C 67 13.73 -10.59 7.71
N THR C 68 13.64 -9.29 7.38
CA THR C 68 12.67 -8.84 6.40
C THR C 68 12.92 -9.48 5.04
N LYS C 69 14.17 -9.48 4.60
CA LYS C 69 14.53 -10.14 3.34
C LYS C 69 14.16 -11.62 3.37
N LEU C 70 14.40 -12.28 4.51
CA LEU C 70 14.07 -13.69 4.63
C LEU C 70 12.56 -13.91 4.49
N LEU C 71 11.76 -13.11 5.21
CA LEU C 71 10.31 -13.26 5.12
C LEU C 71 9.78 -12.82 3.76
N MET C 72 10.44 -11.86 3.11
CA MET C 72 10.05 -11.49 1.76
C MET C 72 10.25 -12.65 0.78
N LYS C 73 11.39 -13.33 0.89
CA LYS C 73 11.65 -14.47 0.01
C LYS C 73 10.71 -15.63 0.31
N GLU C 74 10.23 -15.74 1.55
CA GLU C 74 9.27 -16.79 1.87
C GLU C 74 7.90 -16.48 1.28
N LEU C 75 7.48 -15.22 1.31
CA LEU C 75 6.21 -14.85 0.70
C LEU C 75 6.28 -14.97 -0.82
N ILE C 76 7.43 -14.63 -1.41
CA ILE C 76 7.61 -14.85 -2.85
C ILE C 76 7.54 -16.34 -3.16
N LYS C 77 8.13 -17.17 -2.31
CA LYS C 77 8.02 -18.62 -2.48
C LYS C 77 6.56 -19.06 -2.47
N GLU C 78 5.76 -18.49 -1.58
CA GLU C 78 4.34 -18.82 -1.52
C GLU C 78 3.53 -18.15 -2.63
N LEU C 79 4.14 -17.28 -3.42
CA LEU C 79 3.42 -16.66 -4.54
C LEU C 79 3.34 -17.61 -5.73
N GLU C 80 4.48 -18.14 -6.17
CA GLU C 80 4.47 -19.12 -7.25
C GLU C 80 3.67 -20.36 -6.86
N LYS C 81 3.51 -20.62 -5.57
CA LYS C 81 2.68 -21.71 -5.08
C LYS C 81 1.88 -21.26 -3.87
#